data_6WQB
#
_entry.id   6WQB
#
_cell.length_a   170.586
_cell.length_b   36.427
_cell.length_c   59.343
_cell.angle_alpha   90.000
_cell.angle_beta   90.000
_cell.angle_gamma   90.000
#
_symmetry.space_group_name_H-M   'P 21 21 2'
#
loop_
_entity.id
_entity.type
_entity.pdbx_description
1 polymer 'N-terminal acetyltransferase, GNAT family'
2 non-polymer 'ACETYL COENZYME *A'
3 water water
#
_entity_poly.entity_id   1
_entity_poly.type   'polypeptide(L)'
_entity_poly.pdbx_seq_one_letter_code
;QGMIICNNQIDDDQLKAIQDLASLCREHDGGTPTFYNHLLIQKRPTENNVLYFQDNQLLGFLSVYFFYEDACEVSLIVSP
LHRRQGIAKQLLQTIMPLLTAKEMTTLIFSTPTEINDDWLINQGFSYRNSEYHMQRNGYDPIFMPTPKLHIRKATEDDIP
ALCAIDEACFPEHQENMISRFSMLLNDASYTLFLASYNHIIVGKAHIHWQSKEAIFSDIAIFPQYQGQGWGGELLSYCIN
QALTSGKNKLMLDVETSNQNALHLYTRLGFKTANVSDYWVIPLPQLLTNWALE
;
_entity_poly.pdbx_strand_id   A
#
loop_
_chem_comp.id
_chem_comp.type
_chem_comp.name
_chem_comp.formula
ACO non-polymer 'ACETYL COENZYME *A' 'C23 H38 N7 O17 P3 S'
#
# COMPACT_ATOMS: atom_id res chain seq x y z
N GLN A 1 32.28 5.44 12.80
CA GLN A 1 32.59 4.66 11.63
C GLN A 1 31.44 3.67 11.32
N GLY A 2 30.71 3.11 12.30
CA GLY A 2 29.52 2.33 11.96
C GLY A 2 28.52 2.60 13.10
N MET A 3 27.25 2.83 12.84
CA MET A 3 26.31 3.20 13.91
C MET A 3 24.99 2.52 13.63
N ILE A 4 24.39 1.87 14.63
CA ILE A 4 23.09 1.27 14.43
C ILE A 4 22.17 1.93 15.43
N ILE A 5 21.09 2.53 14.92
CA ILE A 5 20.08 3.17 15.78
C ILE A 5 18.80 2.36 15.71
N CYS A 6 18.16 2.16 16.86
CA CYS A 6 16.87 1.48 16.92
C CYS A 6 15.94 2.46 17.64
N ASN A 7 14.80 2.80 17.06
CA ASN A 7 13.90 3.71 17.74
C ASN A 7 12.44 3.36 17.41
N ASN A 8 11.51 4.03 18.07
CA ASN A 8 10.11 3.73 17.83
C ASN A 8 9.41 4.84 17.04
N GLN A 9 10.18 5.73 16.40
CA GLN A 9 9.63 6.87 15.69
C GLN A 9 10.72 7.52 14.87
N ILE A 10 10.52 7.59 13.57
CA ILE A 10 11.41 8.26 12.64
C ILE A 10 11.21 9.77 12.79
N ASP A 11 12.30 10.52 13.01
CA ASP A 11 12.18 11.96 13.08
C ASP A 11 12.37 12.58 11.68
N ASP A 12 12.28 13.91 11.59
CA ASP A 12 12.23 14.56 10.26
C ASP A 12 13.53 14.38 9.47
N ASP A 13 14.69 14.51 10.15
CA ASP A 13 15.98 14.32 9.49
C ASP A 13 16.19 12.86 9.10
N GLN A 14 15.73 11.92 9.92
CA GLN A 14 15.82 10.52 9.54
C GLN A 14 14.93 10.21 8.34
N LEU A 15 13.71 10.76 8.32
CA LEU A 15 12.81 10.46 7.21
C LEU A 15 13.43 10.92 5.89
N LYS A 16 14.02 12.12 5.86
CA LYS A 16 14.69 12.57 4.64
C LYS A 16 15.85 11.67 4.25
N ALA A 17 16.63 11.17 5.22
CA ALA A 17 17.73 10.27 4.89
C ALA A 17 17.21 8.94 4.33
N ILE A 18 16.11 8.42 4.91
CA ILE A 18 15.47 7.20 4.41
C ILE A 18 14.91 7.42 3.01
N GLN A 19 14.25 8.56 2.79
CA GLN A 19 13.68 8.85 1.47
C GLN A 19 14.78 8.93 0.41
N ASP A 20 15.92 9.55 0.75
CA ASP A 20 17.03 9.62 -0.21
C ASP A 20 17.62 8.24 -0.51
N LEU A 21 17.75 7.39 0.52
CA LEU A 21 18.27 6.04 0.33
C LEU A 21 17.30 5.19 -0.51
N ALA A 22 15.98 5.30 -0.24
CA ALA A 22 15.01 4.63 -1.11
C ALA A 22 15.07 5.13 -2.55
N SER A 23 15.25 6.43 -2.76
CA SER A 23 15.38 6.92 -4.15
C SER A 23 16.63 6.36 -4.83
N LEU A 24 17.73 6.27 -4.10
CA LEU A 24 18.92 5.66 -4.70
C LEU A 24 18.67 4.20 -5.05
N CYS A 25 17.99 3.47 -4.15
CA CYS A 25 17.62 2.09 -4.48
C CYS A 25 16.68 2.02 -5.69
N ARG A 26 15.67 2.89 -5.75
CA ARG A 26 14.73 2.87 -6.88
C ARG A 26 15.45 3.04 -8.21
N GLU A 27 16.50 3.86 -8.24
CA GLU A 27 17.22 4.12 -9.48
C GLU A 27 17.94 2.88 -9.95
N HIS A 28 18.42 2.03 -9.03
CA HIS A 28 19.16 0.84 -9.43
C HIS A 28 18.29 -0.40 -9.54
N ASP A 29 17.23 -0.46 -8.77
CA ASP A 29 16.44 -1.68 -8.62
C ASP A 29 15.14 -1.64 -9.41
N GLY A 30 14.66 -0.47 -9.83
CA GLY A 30 13.40 -0.39 -10.57
C GLY A 30 12.16 -0.28 -9.68
N GLY A 31 12.33 -0.13 -8.38
CA GLY A 31 11.22 -0.08 -7.45
C GLY A 31 11.78 -0.18 -6.05
N THR A 32 10.87 -0.25 -5.08
CA THR A 32 11.34 -0.34 -3.70
C THR A 32 10.36 -1.24 -2.93
N PRO A 33 10.75 -1.67 -1.74
CA PRO A 33 9.77 -2.21 -0.78
C PRO A 33 8.69 -1.19 -0.47
N THR A 34 7.61 -1.68 0.18
CA THR A 34 6.53 -0.80 0.59
C THR A 34 6.78 -0.28 2.00
N PHE A 35 6.86 1.04 2.14
CA PHE A 35 7.05 1.65 3.43
C PHE A 35 5.74 2.34 3.81
N TYR A 36 5.43 2.37 5.07
CA TYR A 36 4.16 2.97 5.49
C TYR A 36 4.57 4.24 6.27
N ASN A 37 4.69 5.37 5.54
CA ASN A 37 5.31 6.54 6.16
C ASN A 37 4.51 6.99 7.35
N HIS A 38 3.19 6.83 7.33
CA HIS A 38 2.38 7.30 8.46
C HIS A 38 2.69 6.50 9.72
N LEU A 39 3.11 5.23 9.59
CA LEU A 39 3.52 4.45 10.74
C LEU A 39 4.97 4.75 11.14
N LEU A 40 5.85 5.02 10.15
CA LEU A 40 7.23 5.38 10.48
C LEU A 40 7.27 6.59 11.41
N ILE A 41 6.42 7.59 11.17
CA ILE A 41 6.56 8.83 11.93
C ILE A 41 5.67 8.88 13.16
N GLN A 42 4.88 7.85 13.40
CA GLN A 42 4.08 7.70 14.62
C GLN A 42 4.98 7.21 15.74
N LYS A 43 4.61 7.53 17.00
CA LYS A 43 5.29 6.95 18.16
C LYS A 43 4.72 5.57 18.37
N ARG A 44 5.44 4.56 17.98
CA ARG A 44 4.90 3.20 18.02
C ARG A 44 5.24 2.52 19.35
N PRO A 45 4.47 1.47 19.73
CA PRO A 45 4.68 0.85 21.07
C PRO A 45 6.07 0.25 21.28
N THR A 46 6.72 -0.27 20.24
CA THR A 46 8.04 -0.88 20.34
C THR A 46 9.00 -0.24 19.33
N GLU A 47 10.30 -0.49 19.52
CA GLU A 47 11.34 0.10 18.67
C GLU A 47 11.44 -0.69 17.36
N ASN A 48 10.57 -0.33 16.41
CA ASN A 48 10.37 -1.11 15.19
C ASN A 48 11.27 -0.65 14.05
N ASN A 49 12.01 0.43 14.22
CA ASN A 49 12.82 0.99 13.11
C ASN A 49 14.29 0.76 13.40
N VAL A 50 15.07 0.37 12.38
CA VAL A 50 16.51 0.17 12.56
C VAL A 50 17.22 0.94 11.46
N LEU A 51 18.09 1.86 11.86
CA LEU A 51 18.93 2.61 10.91
C LEU A 51 20.40 2.18 11.00
N TYR A 52 21.06 1.99 9.84
CA TYR A 52 22.48 1.65 9.81
C TYR A 52 23.24 2.74 9.07
N PHE A 53 24.22 3.33 9.75
CA PHE A 53 25.07 4.38 9.21
C PHE A 53 26.50 3.90 9.16
N GLN A 54 27.25 4.39 8.17
CA GLN A 54 28.67 4.20 8.09
C GLN A 54 29.26 5.56 7.72
N ASP A 55 30.24 6.01 8.50
CA ASP A 55 30.92 7.27 8.26
C ASP A 55 29.90 8.37 7.97
N ASN A 56 28.84 8.41 8.78
CA ASN A 56 27.79 9.45 8.73
C ASN A 56 26.82 9.31 7.56
N GLN A 57 26.86 8.25 6.76
CA GLN A 57 25.92 8.06 5.66
C GLN A 57 24.94 6.97 6.02
N LEU A 58 23.65 7.17 5.76
CA LEU A 58 22.70 6.08 5.97
C LEU A 58 22.86 5.05 4.86
N LEU A 59 23.26 3.82 5.22
CA LEU A 59 23.44 2.77 4.21
C LEU A 59 22.40 1.68 4.32
N GLY A 60 21.64 1.59 5.42
CA GLY A 60 20.64 0.55 5.53
C GLY A 60 19.47 1.03 6.38
N PHE A 61 18.28 0.54 6.05
CA PHE A 61 17.09 0.86 6.86
C PHE A 61 16.18 -0.36 6.87
N LEU A 62 15.70 -0.73 8.05
CA LEU A 62 14.65 -1.73 8.19
C LEU A 62 13.52 -1.20 9.05
N SER A 63 12.28 -1.56 8.69
CA SER A 63 11.19 -1.35 9.63
C SER A 63 10.27 -2.56 9.61
N VAL A 64 9.65 -2.85 10.75
CA VAL A 64 8.70 -3.93 10.85
CA VAL A 64 8.69 -3.93 10.83
C VAL A 64 7.33 -3.34 11.17
N TYR A 65 6.28 -4.00 10.64
CA TYR A 65 4.90 -3.57 10.90
C TYR A 65 4.08 -4.76 11.38
N PHE A 66 3.49 -4.66 12.57
CA PHE A 66 2.79 -5.82 13.15
C PHE A 66 1.32 -5.84 12.75
N PHE A 67 1.09 -6.25 11.48
CA PHE A 67 -0.26 -6.23 10.93
C PHE A 67 -1.05 -7.48 11.29
N TYR A 68 -0.39 -8.59 11.57
CA TYR A 68 -1.10 -9.85 11.78
C TYR A 68 -0.74 -10.47 13.12
N GLU A 69 -1.53 -11.46 13.51
CA GLU A 69 -1.40 -12.10 14.81
C GLU A 69 -0.09 -12.82 15.08
N ASP A 70 0.41 -13.53 14.08
CA ASP A 70 1.66 -14.26 14.23
C ASP A 70 2.63 -14.03 13.08
N ALA A 71 2.46 -12.94 12.36
CA ALA A 71 3.37 -12.59 11.28
C ALA A 71 3.50 -11.08 11.24
N CYS A 72 4.57 -10.62 10.62
CA CYS A 72 4.72 -9.20 10.39
C CYS A 72 5.38 -8.98 9.05
N GLU A 73 5.21 -7.75 8.58
CA GLU A 73 5.73 -7.28 7.32
C GLU A 73 7.02 -6.50 7.57
N VAL A 74 8.00 -6.71 6.71
CA VAL A 74 9.31 -6.11 6.91
C VAL A 74 9.68 -5.34 5.64
N SER A 75 10.05 -4.07 5.78
CA SER A 75 10.54 -3.29 4.65
C SER A 75 12.03 -2.99 4.91
N LEU A 76 12.90 -3.38 3.99
CA LEU A 76 14.33 -3.39 4.25
C LEU A 76 15.02 -2.94 2.97
N ILE A 77 15.92 -1.95 3.09
CA ILE A 77 16.74 -1.47 1.95
C ILE A 77 18.17 -1.26 2.38
N VAL A 78 19.11 -1.60 1.48
CA VAL A 78 20.53 -1.36 1.65
C VAL A 78 21.05 -0.62 0.44
N SER A 79 21.87 0.37 0.67
CA SER A 79 22.48 1.11 -0.46
C SER A 79 23.03 0.18 -1.56
N PRO A 80 22.69 0.41 -2.84
CA PRO A 80 23.26 -0.42 -3.92
C PRO A 80 24.78 -0.45 -3.94
N LEU A 81 25.42 0.57 -3.40
CA LEU A 81 26.87 0.70 -3.43
C LEU A 81 27.55 -0.08 -2.33
N HIS A 82 26.78 -0.72 -1.44
CA HIS A 82 27.34 -1.37 -0.26
C HIS A 82 26.67 -2.70 0.02
N ARG A 83 26.28 -3.43 -1.02
CA ARG A 83 25.53 -4.67 -0.88
C ARG A 83 26.46 -5.86 -0.77
N ARG A 84 25.91 -6.98 -0.28
CA ARG A 84 26.69 -8.22 -0.04
C ARG A 84 27.84 -7.97 0.93
N GLN A 85 27.61 -7.07 1.90
CA GLN A 85 28.55 -6.79 2.99
C GLN A 85 27.95 -7.17 4.34
N GLY A 86 26.74 -7.74 4.35
CA GLY A 86 26.10 -8.20 5.57
C GLY A 86 25.32 -7.14 6.30
N ILE A 87 25.04 -5.99 5.65
CA ILE A 87 24.23 -4.95 6.31
C ILE A 87 22.81 -5.44 6.57
N ALA A 88 22.19 -6.13 5.61
CA ALA A 88 20.83 -6.61 5.90
C ALA A 88 20.84 -7.65 7.02
N LYS A 89 21.86 -8.50 7.04
CA LYS A 89 21.98 -9.43 8.16
C LYS A 89 22.12 -8.71 9.50
N GLN A 90 22.84 -7.58 9.51
CA GLN A 90 22.95 -6.81 10.76
C GLN A 90 21.62 -6.21 11.14
N LEU A 91 20.90 -5.66 10.16
CA LEU A 91 19.60 -5.08 10.47
C LEU A 91 18.64 -6.14 11.02
N LEU A 92 18.58 -7.29 10.36
CA LEU A 92 17.67 -8.36 10.81
C LEU A 92 18.08 -8.89 12.16
N GLN A 93 19.40 -9.00 12.40
CA GLN A 93 19.86 -9.49 13.69
C GLN A 93 19.46 -8.52 14.80
N THR A 94 19.38 -7.23 14.49
CA THR A 94 19.07 -6.23 15.50
C THR A 94 17.59 -6.28 15.89
N ILE A 95 16.71 -6.49 14.92
CA ILE A 95 15.27 -6.53 15.21
C ILE A 95 14.84 -7.89 15.74
N MET A 96 15.69 -8.90 15.64
CA MET A 96 15.27 -10.26 15.97
C MET A 96 14.77 -10.41 17.41
N PRO A 97 15.42 -9.84 18.44
CA PRO A 97 14.87 -10.01 19.81
C PRO A 97 13.44 -9.55 19.93
N LEU A 98 13.06 -8.48 19.23
CA LEU A 98 11.68 -8.01 19.27
C LEU A 98 10.75 -8.98 18.57
N LEU A 99 11.14 -9.48 17.39
CA LEU A 99 10.30 -10.47 16.72
C LEU A 99 10.07 -11.67 17.63
N THR A 100 11.10 -12.06 18.38
CA THR A 100 10.95 -13.18 19.30
C THR A 100 10.01 -12.81 20.45
N ALA A 101 10.21 -11.65 21.07
CA ALA A 101 9.36 -11.21 22.16
C ALA A 101 7.89 -11.12 21.75
N LYS A 102 7.60 -10.94 20.47
CA LYS A 102 6.23 -10.95 19.98
C LYS A 102 5.79 -12.32 19.45
N GLU A 103 6.67 -13.32 19.52
CA GLU A 103 6.42 -14.68 19.02
C GLU A 103 5.93 -14.68 17.57
N MET A 104 6.62 -13.90 16.73
CA MET A 104 6.38 -14.00 15.30
C MET A 104 6.83 -15.37 14.78
N THR A 105 6.01 -15.99 13.92
CA THR A 105 6.42 -17.24 13.30
C THR A 105 6.76 -17.11 11.81
N THR A 106 6.20 -16.12 11.13
CA THR A 106 6.50 -15.92 9.71
C THR A 106 6.73 -14.43 9.44
N LEU A 107 7.60 -14.17 8.47
CA LEU A 107 7.90 -12.83 8.01
C LEU A 107 7.43 -12.68 6.58
N ILE A 108 6.95 -11.46 6.24
CA ILE A 108 6.48 -11.10 4.92
C ILE A 108 7.35 -9.94 4.48
N PHE A 109 8.12 -10.13 3.39
CA PHE A 109 9.01 -9.06 2.90
C PHE A 109 8.40 -8.51 1.63
N SER A 110 8.35 -7.19 1.52
CA SER A 110 8.03 -6.55 0.25
C SER A 110 9.35 -6.34 -0.50
N THR A 111 9.31 -6.46 -1.82
CA THR A 111 10.54 -6.35 -2.61
C THR A 111 10.23 -5.69 -3.95
N PRO A 112 11.17 -4.96 -4.53
CA PRO A 112 11.05 -4.62 -5.94
C PRO A 112 10.85 -5.91 -6.74
N THR A 113 10.17 -5.82 -7.88
CA THR A 113 9.96 -7.04 -8.68
C THR A 113 11.24 -7.50 -9.39
N GLU A 114 11.29 -8.80 -9.70
CA GLU A 114 12.27 -9.47 -10.55
C GLU A 114 13.70 -9.65 -10.01
N ILE A 115 14.30 -8.60 -9.43
CA ILE A 115 15.75 -8.64 -9.18
C ILE A 115 16.12 -9.70 -8.14
N ASN A 116 15.21 -10.07 -7.25
CA ASN A 116 15.54 -11.01 -6.19
C ASN A 116 14.93 -12.38 -6.41
N ASP A 117 14.15 -12.57 -7.49
CA ASP A 117 13.33 -13.77 -7.62
C ASP A 117 14.19 -15.03 -7.54
N ASP A 118 15.40 -15.02 -8.12
CA ASP A 118 16.16 -16.27 -8.15
C ASP A 118 16.60 -16.73 -6.77
N TRP A 119 17.11 -15.81 -5.93
CA TRP A 119 17.60 -16.33 -4.68
C TRP A 119 16.49 -16.46 -3.64
N LEU A 120 15.40 -15.69 -3.78
CA LEU A 120 14.29 -15.87 -2.85
C LEU A 120 13.74 -17.27 -3.00
N ILE A 121 13.63 -17.73 -4.26
CA ILE A 121 13.18 -19.08 -4.58
C ILE A 121 14.14 -20.11 -3.98
N ASN A 122 15.42 -19.90 -4.20
CA ASN A 122 16.39 -20.91 -3.77
C ASN A 122 16.51 -20.99 -2.26
N GLN A 123 16.10 -19.94 -1.53
CA GLN A 123 16.14 -19.92 -0.07
C GLN A 123 14.78 -20.24 0.54
N GLY A 124 13.83 -20.68 -0.27
CA GLY A 124 12.56 -21.14 0.26
C GLY A 124 11.57 -20.08 0.68
N PHE A 125 11.67 -18.85 0.16
CA PHE A 125 10.58 -17.89 0.32
C PHE A 125 9.46 -18.24 -0.65
N SER A 126 8.25 -17.84 -0.31
CA SER A 126 7.09 -18.17 -1.11
C SER A 126 6.40 -16.89 -1.59
N TYR A 127 6.20 -16.76 -2.91
CA TYR A 127 5.54 -15.58 -3.46
C TYR A 127 4.06 -15.56 -3.06
N ARG A 128 3.56 -14.43 -2.55
CA ARG A 128 2.18 -14.29 -2.09
C ARG A 128 1.34 -13.40 -3.00
N ASN A 129 1.74 -12.15 -3.24
CA ASN A 129 0.93 -11.29 -4.10
C ASN A 129 1.78 -10.08 -4.42
N SER A 130 1.20 -9.15 -5.17
CA SER A 130 1.88 -7.93 -5.59
C SER A 130 0.98 -6.73 -5.28
N GLU A 131 1.57 -5.54 -5.20
CA GLU A 131 0.81 -4.31 -4.95
C GLU A 131 1.37 -3.21 -5.83
N TYR A 132 0.47 -2.60 -6.63
CA TYR A 132 0.82 -1.59 -7.59
C TYR A 132 0.38 -0.26 -6.99
N HIS A 133 1.36 0.59 -6.65
CA HIS A 133 1.07 1.91 -6.09
C HIS A 133 0.94 2.86 -7.28
N MET A 134 -0.30 3.35 -7.54
CA MET A 134 -0.62 4.03 -8.79
C MET A 134 -0.86 5.51 -8.51
N GLN A 135 -0.47 6.32 -9.49
CA GLN A 135 -0.66 7.78 -9.36
C GLN A 135 -1.14 8.34 -10.69
N ARG A 136 -1.97 9.37 -10.63
CA ARG A 136 -2.44 10.05 -11.82
C ARG A 136 -2.04 11.50 -11.64
N ASN A 137 -1.01 11.90 -12.35
CA ASN A 137 -0.40 13.19 -12.07
C ASN A 137 -0.81 14.26 -13.05
N GLY A 138 -1.40 13.90 -14.19
CA GLY A 138 -1.92 14.94 -15.06
C GLY A 138 -3.11 15.64 -14.41
N TYR A 139 -3.44 16.82 -14.93
CA TYR A 139 -4.62 17.55 -14.45
C TYR A 139 -5.78 17.55 -15.43
N ASP A 140 -5.61 16.96 -16.60
CA ASP A 140 -6.67 16.92 -17.61
C ASP A 140 -7.78 15.96 -17.16
N PRO A 141 -9.04 16.28 -17.41
CA PRO A 141 -10.14 15.44 -16.90
C PRO A 141 -10.47 14.32 -17.87
N ILE A 142 -11.34 13.43 -17.40
CA ILE A 142 -11.85 12.36 -18.25
C ILE A 142 -13.06 12.90 -19.00
N PHE A 143 -13.04 12.77 -20.31
CA PHE A 143 -14.17 13.23 -21.11
C PHE A 143 -15.12 12.04 -21.26
N MET A 144 -16.34 12.25 -20.80
CA MET A 144 -17.39 11.25 -20.84
C MET A 144 -18.62 11.80 -21.52
N PRO A 145 -18.76 11.61 -22.83
CA PRO A 145 -19.88 12.20 -23.55
C PRO A 145 -21.18 11.47 -23.36
N THR A 146 -21.17 10.22 -22.89
CA THR A 146 -22.35 9.37 -22.92
C THR A 146 -22.46 8.63 -21.59
N PRO A 147 -22.59 9.35 -20.48
CA PRO A 147 -22.63 8.68 -19.16
C PRO A 147 -23.82 7.74 -19.04
N LYS A 148 -23.59 6.53 -18.49
CA LYS A 148 -24.67 5.56 -18.30
C LYS A 148 -25.25 5.56 -16.89
N LEU A 149 -24.53 6.09 -15.90
CA LEU A 149 -24.86 5.92 -14.49
C LEU A 149 -25.30 7.24 -13.86
N HIS A 150 -26.10 7.13 -12.81
CA HIS A 150 -26.36 8.23 -11.89
C HIS A 150 -25.54 8.05 -10.62
N ILE A 151 -24.73 9.05 -10.27
CA ILE A 151 -23.75 8.88 -9.20
C ILE A 151 -23.98 9.98 -8.16
N ARG A 152 -24.10 9.59 -6.88
CA ARG A 152 -24.31 10.60 -5.87
C ARG A 152 -23.52 10.24 -4.62
N LYS A 153 -23.36 11.23 -3.72
CA LYS A 153 -22.72 10.97 -2.42
C LYS A 153 -23.60 10.03 -1.60
N ALA A 154 -23.00 9.03 -0.99
CA ALA A 154 -23.73 8.14 -0.09
C ALA A 154 -23.99 8.82 1.27
N THR A 155 -25.10 8.45 1.95
CA THR A 155 -25.39 8.99 3.27
C THR A 155 -25.60 7.83 4.26
N GLU A 156 -25.87 8.18 5.54
CA GLU A 156 -26.09 7.16 6.58
C GLU A 156 -27.22 6.21 6.19
N ASP A 157 -28.21 6.74 5.49
CA ASP A 157 -29.33 5.95 5.01
C ASP A 157 -28.94 4.88 3.99
N ASP A 158 -27.76 4.95 3.41
CA ASP A 158 -27.37 3.97 2.41
C ASP A 158 -26.55 2.80 2.98
N ILE A 159 -26.41 2.70 4.30
CA ILE A 159 -25.46 1.76 4.87
C ILE A 159 -25.80 0.33 4.50
N PRO A 160 -27.08 -0.10 4.46
CA PRO A 160 -27.32 -1.47 3.99
C PRO A 160 -26.80 -1.73 2.59
N ALA A 161 -27.02 -0.82 1.62
CA ALA A 161 -26.47 -1.03 0.28
C ALA A 161 -24.95 -1.07 0.29
N LEU A 162 -24.30 -0.19 1.08
CA LEU A 162 -22.83 -0.20 1.12
C LEU A 162 -22.33 -1.55 1.64
N CYS A 163 -23.01 -2.08 2.64
CA CYS A 163 -22.58 -3.34 3.21
C CYS A 163 -22.77 -4.46 2.22
N ALA A 164 -23.86 -4.40 1.46
CA ALA A 164 -24.21 -5.44 0.50
C ALA A 164 -23.16 -5.49 -0.60
N ILE A 165 -22.73 -4.31 -1.05
CA ILE A 165 -21.67 -4.23 -2.05
C ILE A 165 -20.38 -4.80 -1.49
N ASP A 166 -20.03 -4.39 -0.27
CA ASP A 166 -18.77 -4.82 0.33
C ASP A 166 -18.76 -6.34 0.49
N GLU A 167 -19.87 -6.91 0.93
CA GLU A 167 -19.92 -8.36 1.12
C GLU A 167 -19.71 -9.10 -0.18
N ALA A 168 -20.29 -8.58 -1.27
CA ALA A 168 -20.23 -9.22 -2.57
C ALA A 168 -18.86 -9.05 -3.19
N CYS A 169 -18.11 -7.99 -2.85
CA CYS A 169 -16.92 -7.66 -3.63
C CYS A 169 -15.60 -7.78 -2.86
N PHE A 170 -15.61 -7.82 -1.52
CA PHE A 170 -14.42 -7.80 -0.67
C PHE A 170 -14.59 -8.85 0.43
N PRO A 171 -14.44 -10.13 0.10
CA PRO A 171 -14.57 -11.17 1.12
C PRO A 171 -13.52 -11.09 2.20
N GLU A 172 -12.34 -10.58 1.90
CA GLU A 172 -11.24 -10.42 2.83
C GLU A 172 -11.51 -9.36 3.91
N HIS A 173 -12.71 -8.79 4.03
CA HIS A 173 -12.90 -7.78 5.09
C HIS A 173 -13.61 -8.33 6.35
N GLN A 174 -14.93 -8.39 6.31
CA GLN A 174 -15.76 -8.97 7.41
C GLN A 174 -15.68 -8.46 8.87
N ASN A 176 -17.63 -6.74 10.39
CA ASN A 176 -17.97 -5.57 11.19
C ASN A 176 -17.93 -4.29 10.37
N MET A 177 -18.44 -4.35 9.14
CA MET A 177 -18.47 -3.21 8.27
C MET A 177 -19.59 -2.22 8.60
N ILE A 178 -20.57 -2.61 9.42
CA ILE A 178 -21.58 -1.61 9.77
C ILE A 178 -20.94 -0.47 10.54
N SER A 179 -20.17 -0.80 11.59
CA SER A 179 -19.45 0.23 12.34
C SER A 179 -18.48 0.99 11.45
N ARG A 180 -17.75 0.30 10.58
CA ARG A 180 -16.82 1.04 9.74
C ARG A 180 -17.55 2.09 8.88
N PHE A 181 -18.63 1.68 8.20
CA PHE A 181 -19.31 2.63 7.32
C PHE A 181 -19.94 3.75 8.14
N SER A 182 -20.41 3.45 9.32
CA SER A 182 -20.89 4.55 10.17
C SER A 182 -19.78 5.56 10.50
N MET A 183 -18.53 5.09 10.60
CA MET A 183 -17.44 6.01 10.88
C MET A 183 -17.08 6.79 9.61
N LEU A 184 -16.96 6.08 8.46
CA LEU A 184 -16.60 6.78 7.21
C LEU A 184 -17.63 7.84 6.83
N LEU A 185 -18.92 7.56 7.05
CA LEU A 185 -19.94 8.49 6.59
C LEU A 185 -20.12 9.67 7.49
N ASN A 186 -19.48 9.68 8.66
CA ASN A 186 -19.55 10.81 9.57
C ASN A 186 -18.17 11.45 9.72
N ASP A 187 -17.30 11.32 8.68
CA ASP A 187 -15.95 11.84 8.79
C ASP A 187 -15.74 12.72 7.56
N ALA A 188 -15.51 14.03 7.81
CA ALA A 188 -15.41 15.00 6.71
C ALA A 188 -14.29 14.64 5.72
N SER A 189 -13.34 13.81 6.10
CA SER A 189 -12.21 13.51 5.21
CA SER A 189 -12.23 13.54 5.17
C SER A 189 -12.51 12.39 4.23
N TYR A 190 -13.72 11.81 4.26
CA TYR A 190 -14.08 10.73 3.34
C TYR A 190 -15.35 11.13 2.61
N THR A 191 -15.38 10.74 1.33
CA THR A 191 -16.56 10.84 0.51
C THR A 191 -16.80 9.48 -0.12
N LEU A 192 -17.96 8.88 0.16
CA LEU A 192 -18.36 7.63 -0.47
C LEU A 192 -19.36 7.95 -1.58
N PHE A 193 -19.08 7.48 -2.79
CA PHE A 193 -19.95 7.70 -3.96
C PHE A 193 -20.68 6.41 -4.30
N LEU A 194 -22.00 6.51 -4.59
CA LEU A 194 -22.83 5.37 -4.98
C LEU A 194 -23.23 5.52 -6.42
N ALA A 195 -23.14 4.44 -7.18
CA ALA A 195 -23.53 4.43 -8.58
C ALA A 195 -24.83 3.66 -8.77
N SER A 196 -25.75 4.22 -9.57
CA SER A 196 -27.05 3.64 -9.84
C SER A 196 -27.31 3.58 -11.34
N TYR A 197 -28.08 2.57 -11.75
CA TYR A 197 -28.49 2.40 -13.14
C TYR A 197 -29.94 1.99 -13.12
N ASN A 198 -30.79 2.72 -13.85
CA ASN A 198 -32.21 2.41 -13.88
C ASN A 198 -32.79 2.38 -12.46
N HIS A 199 -32.27 3.25 -11.58
CA HIS A 199 -32.71 3.40 -10.20
C HIS A 199 -32.29 2.24 -9.29
N ILE A 200 -31.34 1.41 -9.72
CA ILE A 200 -30.83 0.29 -8.92
C ILE A 200 -29.38 0.60 -8.57
N ILE A 201 -29.02 0.44 -7.28
CA ILE A 201 -27.62 0.68 -6.88
C ILE A 201 -26.74 -0.46 -7.39
N VAL A 202 -25.65 -0.10 -8.11
CA VAL A 202 -24.79 -1.10 -8.72
C VAL A 202 -23.38 -1.15 -8.14
N GLY A 203 -22.91 -0.09 -7.45
CA GLY A 203 -21.55 -0.12 -6.96
C GLY A 203 -21.25 1.16 -6.21
N LYS A 204 -20.01 1.25 -5.73
CA LYS A 204 -19.56 2.37 -4.87
C LYS A 204 -18.06 2.59 -5.02
N ALA A 205 -17.60 3.75 -4.50
CA ALA A 205 -16.17 4.06 -4.51
C ALA A 205 -15.91 5.04 -3.38
N HIS A 206 -14.71 4.99 -2.81
CA HIS A 206 -14.36 5.85 -1.67
C HIS A 206 -13.27 6.81 -2.07
N ILE A 207 -13.39 8.09 -1.66
CA ILE A 207 -12.28 9.01 -1.75
C ILE A 207 -11.89 9.41 -0.33
N HIS A 208 -10.57 9.39 -0.07
CA HIS A 208 -10.00 9.93 1.18
C HIS A 208 -9.25 11.20 0.84
N TRP A 209 -9.71 12.32 1.39
CA TRP A 209 -9.10 13.63 1.14
C TRP A 209 -7.99 13.88 2.11
N GLN A 210 -6.84 14.22 1.58
CA GLN A 210 -5.79 14.82 2.38
C GLN A 210 -5.55 16.24 1.88
N SER A 211 -4.64 16.92 2.57
CA SER A 211 -4.38 18.32 2.28
C SER A 211 -4.13 18.53 0.80
N LYS A 212 -3.20 17.77 0.24
CA LYS A 212 -2.81 17.92 -1.16
C LYS A 212 -3.07 16.69 -2.01
N GLU A 213 -3.61 15.63 -1.46
CA GLU A 213 -3.86 14.43 -2.27
C GLU A 213 -5.28 13.94 -2.11
N ALA A 214 -5.70 13.15 -3.09
CA ALA A 214 -6.93 12.38 -3.02
C ALA A 214 -6.55 10.93 -3.23
N ILE A 215 -7.05 10.06 -2.36
CA ILE A 215 -6.77 8.62 -2.45
C ILE A 215 -8.07 7.90 -2.75
N PHE A 216 -8.06 7.05 -3.76
CA PHE A 216 -9.25 6.31 -4.14
C PHE A 216 -9.12 4.89 -3.61
N SER A 217 -10.23 4.33 -3.14
CA SER A 217 -10.17 2.94 -2.67
C SER A 217 -11.56 2.30 -2.64
N ASP A 218 -11.55 0.96 -2.39
CA ASP A 218 -12.78 0.22 -2.13
C ASP A 218 -13.77 0.41 -3.27
N ILE A 219 -13.26 0.51 -4.49
CA ILE A 219 -14.12 0.64 -5.66
C ILE A 219 -14.76 -0.71 -5.93
N ALA A 220 -16.06 -0.73 -6.19
CA ALA A 220 -16.68 -2.07 -6.28
C ALA A 220 -17.98 -2.02 -7.07
N ILE A 221 -18.21 -3.04 -7.90
CA ILE A 221 -19.44 -3.17 -8.68
C ILE A 221 -19.89 -4.60 -8.43
N PHE A 222 -21.20 -4.82 -8.17
CA PHE A 222 -21.65 -6.19 -7.94
C PHE A 222 -21.19 -7.11 -9.07
N PRO A 223 -20.76 -8.36 -8.77
CA PRO A 223 -20.32 -9.29 -9.85
C PRO A 223 -21.28 -9.36 -11.01
N GLN A 224 -22.59 -9.48 -10.74
CA GLN A 224 -23.61 -9.64 -11.80
C GLN A 224 -23.64 -8.42 -12.75
N TYR A 225 -23.10 -7.30 -12.30
CA TYR A 225 -23.13 -6.05 -13.04
C TYR A 225 -21.77 -5.69 -13.62
N GLN A 226 -20.73 -6.50 -13.38
CA GLN A 226 -19.39 -6.14 -13.79
C GLN A 226 -19.24 -6.37 -15.32
N GLY A 227 -18.18 -5.78 -15.89
CA GLY A 227 -17.82 -6.01 -17.28
C GLY A 227 -18.65 -5.24 -18.28
N GLN A 228 -19.36 -4.21 -17.85
CA GLN A 228 -20.14 -3.38 -18.71
C GLN A 228 -19.56 -1.98 -18.84
N GLY A 229 -18.45 -1.70 -18.18
CA GLY A 229 -17.90 -0.35 -18.17
C GLY A 229 -18.32 0.52 -17.01
N TRP A 230 -19.16 0.00 -16.08
CA TRP A 230 -19.69 0.81 -14.99
C TRP A 230 -18.62 1.14 -13.98
N GLY A 231 -17.73 0.18 -13.68
CA GLY A 231 -16.65 0.47 -12.77
C GLY A 231 -15.73 1.57 -13.33
N GLY A 232 -15.45 1.51 -14.63
CA GLY A 232 -14.63 2.58 -15.24
C GLY A 232 -15.31 3.94 -15.22
N GLU A 233 -16.61 3.97 -15.50
CA GLU A 233 -17.32 5.23 -15.42
C GLU A 233 -17.31 5.79 -13.99
N LEU A 234 -17.56 4.93 -13.00
CA LEU A 234 -17.54 5.40 -11.61
C LEU A 234 -16.17 5.96 -11.20
N LEU A 235 -15.08 5.27 -11.56
CA LEU A 235 -13.74 5.80 -11.30
C LEU A 235 -13.51 7.12 -12.05
N SER A 236 -13.96 7.21 -13.31
CA SER A 236 -13.86 8.46 -14.08
C SER A 236 -14.55 9.61 -13.35
N TYR A 237 -15.76 9.37 -12.84
CA TYR A 237 -16.48 10.38 -12.08
C TYR A 237 -15.67 10.85 -10.88
N CYS A 238 -15.08 9.91 -10.14
CA CYS A 238 -14.31 10.23 -8.96
C CYS A 238 -13.06 11.05 -9.30
N ILE A 239 -12.33 10.66 -10.38
CA ILE A 239 -11.21 11.47 -10.88
C ILE A 239 -11.67 12.92 -11.10
N ASN A 240 -12.78 13.09 -11.80
CA ASN A 240 -13.19 14.45 -12.16
C ASN A 240 -13.62 15.23 -10.91
N GLN A 241 -14.18 14.54 -9.89
CA GLN A 241 -14.45 15.23 -8.62
C GLN A 241 -13.18 15.72 -7.96
N ALA A 242 -12.16 14.84 -7.90
CA ALA A 242 -10.91 15.25 -7.28
C ALA A 242 -10.26 16.37 -8.03
N LEU A 243 -10.38 16.38 -9.37
CA LEU A 243 -9.78 17.49 -10.12
C LEU A 243 -10.45 18.83 -9.79
N THR A 244 -11.76 18.82 -9.61
CA THR A 244 -12.42 20.09 -9.29
C THR A 244 -12.11 20.51 -7.85
N SER A 245 -11.57 19.59 -7.01
CA SER A 245 -11.29 19.90 -5.62
C SER A 245 -9.89 20.40 -5.37
N GLY A 246 -9.05 20.49 -6.39
CA GLY A 246 -7.77 21.13 -6.22
C GLY A 246 -6.67 20.28 -5.62
N LYS A 247 -6.84 18.95 -5.60
CA LYS A 247 -5.74 18.11 -5.19
C LYS A 247 -4.81 17.97 -6.36
N ASN A 248 -3.52 18.03 -6.11
CA ASN A 248 -2.62 17.91 -7.25
C ASN A 248 -2.01 16.52 -7.42
N LYS A 249 -2.42 15.55 -6.61
CA LYS A 249 -1.96 14.18 -6.75
C LYS A 249 -3.11 13.25 -6.46
N LEU A 250 -3.44 12.34 -7.38
CA LEU A 250 -4.47 11.34 -7.18
C LEU A 250 -3.78 9.99 -7.08
N MET A 251 -4.13 9.21 -6.06
CA MET A 251 -3.39 7.97 -5.81
C MET A 251 -4.33 6.83 -5.51
N LEU A 252 -3.89 5.60 -5.79
CA LEU A 252 -4.62 4.42 -5.36
C LEU A 252 -3.64 3.24 -5.40
N ASP A 253 -3.97 2.20 -4.65
CA ASP A 253 -3.17 0.98 -4.59
C ASP A 253 -4.02 -0.19 -5.09
N VAL A 254 -3.38 -1.09 -5.85
CA VAL A 254 -4.09 -2.26 -6.37
C VAL A 254 -3.33 -3.51 -5.96
N GLU A 255 -3.92 -4.35 -5.13
CA GLU A 255 -3.28 -5.61 -4.76
C GLU A 255 -3.79 -6.67 -5.72
N THR A 256 -2.88 -7.34 -6.44
CA THR A 256 -3.35 -8.30 -7.44
C THR A 256 -2.15 -9.19 -7.76
N SER A 257 -2.41 -10.44 -8.11
CA SER A 257 -1.32 -11.25 -8.64
C SER A 257 -1.30 -11.33 -10.17
N ASN A 258 -2.13 -10.56 -10.87
CA ASN A 258 -1.95 -10.51 -12.30
C ASN A 258 -2.13 -9.09 -12.79
N GLN A 259 -1.27 -8.71 -13.73
CA GLN A 259 -1.23 -7.34 -14.16
C GLN A 259 -2.49 -6.94 -14.89
N ASN A 260 -3.36 -7.89 -15.32
CA ASN A 260 -4.51 -7.51 -16.14
C ASN A 260 -5.47 -6.59 -15.40
N ALA A 261 -5.53 -6.72 -14.08
CA ALA A 261 -6.40 -5.84 -13.30
C ALA A 261 -6.06 -4.37 -13.50
N LEU A 262 -4.83 -4.08 -13.91
CA LEU A 262 -4.44 -2.68 -14.03
C LEU A 262 -5.12 -1.97 -15.18
N HIS A 263 -5.62 -2.70 -16.20
CA HIS A 263 -6.14 -2.01 -17.38
C HIS A 263 -7.21 -0.97 -17.00
N LEU A 264 -8.05 -1.29 -16.01
CA LEU A 264 -9.10 -0.35 -15.58
C LEU A 264 -8.51 1.00 -15.20
N TYR A 265 -7.38 1.00 -14.49
CA TYR A 265 -6.83 2.24 -13.96
C TYR A 265 -5.94 2.91 -14.98
N THR A 266 -5.19 2.11 -15.73
CA THR A 266 -4.25 2.76 -16.66
C THR A 266 -4.95 3.38 -17.84
N ARG A 267 -6.15 2.87 -18.20
CA ARG A 267 -6.91 3.46 -19.30
C ARG A 267 -7.39 4.87 -18.94
N LEU A 268 -7.47 5.16 -17.65
CA LEU A 268 -7.88 6.47 -17.15
C LEU A 268 -6.70 7.28 -16.62
N GLY A 269 -5.46 6.94 -16.99
CA GLY A 269 -4.33 7.83 -16.78
C GLY A 269 -3.49 7.52 -15.55
N PHE A 270 -3.85 6.51 -14.76
CA PHE A 270 -2.98 6.14 -13.65
C PHE A 270 -1.73 5.42 -14.17
N LYS A 271 -0.60 5.66 -13.51
CA LYS A 271 0.62 4.95 -13.89
C LYS A 271 1.23 4.37 -12.64
N THR A 272 2.05 3.33 -12.85
CA THR A 272 2.66 2.57 -11.77
C THR A 272 3.81 3.36 -11.14
N ALA A 273 3.57 4.02 -10.02
CA ALA A 273 4.67 4.75 -9.39
C ALA A 273 5.62 3.80 -8.65
N ASN A 274 5.12 2.69 -8.10
CA ASN A 274 5.96 1.64 -7.53
C ASN A 274 5.23 0.31 -7.63
N VAL A 275 5.95 -0.80 -7.87
CA VAL A 275 5.37 -2.15 -7.71
C VAL A 275 6.21 -2.90 -6.67
N SER A 276 5.55 -3.55 -5.69
CA SER A 276 6.21 -4.42 -4.74
C SER A 276 5.61 -5.80 -4.85
N ASP A 277 6.44 -6.84 -4.87
CA ASP A 277 5.96 -8.18 -4.61
C ASP A 277 6.12 -8.50 -3.13
N TYR A 278 5.29 -9.41 -2.64
CA TYR A 278 5.36 -9.87 -1.25
C TYR A 278 5.71 -11.34 -1.18
N TRP A 279 6.72 -11.68 -0.38
CA TRP A 279 7.20 -13.03 -0.22
C TRP A 279 7.25 -13.37 1.27
N VAL A 280 6.88 -14.61 1.62
CA VAL A 280 6.73 -15.04 3.00
C VAL A 280 7.75 -16.13 3.31
N ILE A 281 8.24 -16.12 4.54
CA ILE A 281 9.13 -17.17 4.99
C ILE A 281 8.87 -17.44 6.47
N PRO A 282 8.91 -18.71 6.92
CA PRO A 282 8.91 -18.99 8.36
C PRO A 282 10.18 -18.46 8.97
N LEU A 283 10.03 -17.78 10.11
CA LEU A 283 11.19 -17.18 10.76
C LEU A 283 12.31 -18.17 11.08
N PRO A 284 12.05 -19.37 11.63
CA PRO A 284 13.18 -20.28 11.94
C PRO A 284 14.00 -20.59 10.70
N GLN A 285 13.35 -20.65 9.53
CA GLN A 285 14.06 -20.95 8.30
C GLN A 285 14.99 -19.81 7.90
N LEU A 286 14.52 -18.57 8.02
CA LEU A 286 15.38 -17.43 7.71
C LEU A 286 16.60 -17.41 8.61
N LEU A 287 16.41 -17.72 9.89
CA LEU A 287 17.54 -17.76 10.84
C LEU A 287 18.68 -18.64 10.33
N THR A 288 18.35 -19.85 9.84
CA THR A 288 19.42 -20.76 9.41
C THR A 288 19.99 -20.37 8.06
N ASN A 289 19.17 -19.85 7.14
CA ASN A 289 19.72 -19.56 5.83
C ASN A 289 20.67 -18.38 5.87
N TRP A 290 20.46 -17.48 6.83
CA TRP A 290 21.31 -16.30 6.99
C TRP A 290 22.19 -16.42 8.22
N ALA A 291 22.30 -17.64 8.76
CA ALA A 291 23.12 -17.87 9.94
C ALA A 291 22.32 -17.65 11.21
N1A ACO B . 21.98 -12.63 -4.73
C2A ACO B . 21.84 -13.71 -4.00
N3A ACO B . 21.68 -13.67 -2.71
C4A ACO B . 21.64 -12.53 -2.05
C5A ACO B . 21.77 -11.30 -2.77
C6A ACO B . 21.94 -11.42 -4.22
N6A ACO B . 22.06 -10.36 -4.98
N7A ACO B . 21.70 -10.31 -1.93
C8A ACO B . 21.51 -10.90 -0.75
N9A ACO B . 21.49 -12.20 -0.82
C1B ACO B . 21.30 -13.13 0.29
C2B ACO B . 22.50 -14.00 0.56
O2B ACO B . 21.92 -15.11 1.19
C3B ACO B . 23.20 -13.22 1.61
O3B ACO B . 24.02 -14.05 2.37
P3B ACO B . 25.38 -14.56 1.81
O7A ACO B . 25.78 -15.21 3.04
O8A ACO B . 25.02 -15.43 0.70
O9A ACO B . 26.09 -13.37 1.40
C4B ACO B . 22.03 -12.73 2.44
O4B ACO B . 21.06 -12.42 1.48
C5B ACO B . 22.31 -11.52 3.27
O5B ACO B . 23.11 -10.65 2.59
P1A ACO B . 23.46 -9.26 3.00
O1A ACO B . 24.73 -8.94 2.57
O2A ACO B . 23.20 -9.11 4.38
O3A ACO B . 22.41 -8.42 2.15
P2A ACO B . 22.52 -6.95 1.74
O4A ACO B . 23.10 -6.07 2.65
O5A ACO B . 23.18 -6.95 0.51
O6A ACO B . 21.04 -6.47 1.46
CBP ACO B . 18.93 -6.77 0.30
CCP ACO B . 20.25 -7.32 0.71
CDP ACO B . 18.18 -7.55 -0.70
CEP ACO B . 18.29 -5.80 1.21
CAP ACO B . 19.45 -5.67 -0.69
OAP ACO B . 20.02 -6.14 -1.94
C9P ACO B . 18.48 -4.54 -1.09
O9P ACO B . 18.41 -3.54 -0.50
N8P ACO B . 17.73 -4.74 -2.13
C7P ACO B . 16.68 -3.80 -2.46
C6P ACO B . 15.55 -3.84 -1.46
C5P ACO B . 14.92 -5.19 -1.40
O5P ACO B . 14.94 -5.88 -2.34
N4P ACO B . 14.40 -5.53 -0.23
C3P ACO B . 13.74 -6.76 0.00
C2P ACO B . 14.61 -7.85 0.54
S1P ACO B . 13.80 -9.34 0.84
C ACO B . 14.83 -10.00 1.94
O ACO B . 15.80 -9.44 2.28
CH3 ACO B . 14.53 -11.32 2.52
N1A ACO C . -10.89 -7.24 -9.53
C2A ACO C . -10.08 -6.30 -10.05
N3A ACO C . -10.13 -5.89 -11.33
C4A ACO C . -11.03 -6.42 -12.19
C5A ACO C . -11.95 -7.46 -11.70
C6A ACO C . -11.84 -7.85 -10.27
N6A ACO C . -12.64 -8.79 -9.73
N7A ACO C . -12.73 -7.81 -12.73
C8A ACO C . -12.35 -7.06 -13.80
N9A ACO C . -11.33 -6.24 -13.48
C1B ACO C . -10.66 -5.29 -14.40
C2B ACO C . -10.46 -5.95 -15.75
O2B ACO C . -9.09 -5.81 -16.16
C3B ACO C . -11.43 -5.25 -16.71
O3B ACO C . -10.79 -4.80 -17.90
P3B ACO C . -11.09 -5.50 -19.31
O7A ACO C . -12.14 -4.63 -19.94
O8A ACO C . -9.75 -5.49 -20.01
O9A ACO C . -11.56 -6.89 -18.93
C4B ACO C . -12.01 -4.08 -15.94
O4B ACO C . -11.50 -4.14 -14.60
C5B ACO C . -13.53 -4.14 -15.90
O5B ACO C . -14.07 -3.06 -16.66
P1A ACO C . -15.36 -2.26 -16.14
O1A ACO C . -16.59 -2.99 -16.62
O2A ACO C . -15.17 -0.80 -16.46
O3A ACO C . -15.27 -2.43 -14.54
P2A ACO C . -16.35 -3.32 -13.75
O4A ACO C . -17.70 -2.63 -13.87
O5A ACO C . -16.20 -4.75 -14.17
O6A ACO C . -15.86 -3.19 -12.22
CBP ACO C . -14.29 -3.59 -10.44
CCP ACO C . -14.47 -3.22 -11.90
CDP ACO C . -14.93 -2.53 -9.55
CEP ACO C . -12.80 -3.71 -10.12
CAP ACO C . -14.97 -4.92 -10.17
OAP ACO C . -14.23 -5.96 -10.83
C9P ACO C . -14.98 -5.19 -8.69
O9P ACO C . -15.90 -4.77 -8.00
N8P ACO C . -13.97 -5.89 -8.20
C7P ACO C . -14.00 -6.44 -6.86
C6P ACO C . -13.56 -5.44 -5.81
C5P ACO C . -12.17 -4.94 -6.15
O5P ACO C . -11.25 -5.72 -6.32
N4P ACO C . -12.02 -3.62 -6.28
C3P ACO C . -10.73 -3.02 -6.51
C2P ACO C . -10.08 -2.54 -5.22
S1P ACO C . -8.56 -1.73 -5.59
C ACO C . -9.09 -0.14 -5.60
O ACO C . -10.25 0.10 -5.33
CH3 ACO C . -8.11 0.94 -5.95
#